data_1DKU
#
_entry.id   1DKU
#
_cell.length_a   115.650
_cell.length_b   115.650
_cell.length_c   106.410
_cell.angle_alpha   90.00
_cell.angle_beta   90.00
_cell.angle_gamma   120.00
#
_symmetry.space_group_name_H-M   'P 63'
#
loop_
_entity.id
_entity.type
_entity.pdbx_description
1 polymer 'PROTEIN (PHOSPHORIBOSYL PYROPHOSPHATE SYNTHETASE)'
2 non-polymer 'PHOSPHOMETHYLPHOSPHONIC ACID ADENOSYL ESTER'
3 non-polymer 'METHYL PHOSPHONIC ACID ADENOSINE ESTER'
4 water water
#
_entity_poly.entity_id   1
_entity_poly.type   'polypeptide(L)'
_entity_poly.pdbx_seq_one_letter_code
;MSNQYGDKNLKIFSLNSNPELAKEIADIVGVQLGKCSVTRFSDGEVQINIEESIRGCDCYIIQSTSDPVNEHIMELLIMV
DALKRASAKTINIVIPYYGYARQDRKARSREPITAKLFANLLETAGATRVIALDLHAPQIQGFFDIPIDHLMGVPILGEY
FEGKNLEDIVIVSPDHGGVTRARKLADRLKAPIAIIDKRRPRPNVAEVMNIVGNIEGKTAILIDDIIDTAGTITLAANAL
VENGAKEVYACCTHPVLSGPAVERINNSTIKELVVTNSIKLPEEKKIERFKQLSVGPLLAEAIIRVHEQQSVSYLFS
;
_entity_poly.pdbx_strand_id   A,B
#
loop_
_chem_comp.id
_chem_comp.type
_chem_comp.name
_chem_comp.formula
ABM non-polymer 'METHYL PHOSPHONIC ACID ADENOSINE ESTER' 'C11 H16 N5 O6 P'
AP2 non-polymer 'PHOSPHOMETHYLPHOSPHONIC ACID ADENOSYL ESTER' 'C11 H17 N5 O9 P2'
#
# COMPACT_ATOMS: atom_id res chain seq x y z
N ASN A 9 10.56 31.16 18.86
CA ASN A 9 9.24 30.45 18.77
C ASN A 9 9.26 28.95 18.44
N LEU A 10 10.41 28.46 17.97
CA LEU A 10 10.59 27.08 17.59
C LEU A 10 11.25 26.28 18.71
N LYS A 11 10.62 25.19 19.15
CA LYS A 11 11.15 24.34 20.23
C LYS A 11 11.16 22.87 19.80
N ILE A 12 12.26 22.16 20.04
CA ILE A 12 12.36 20.77 19.65
C ILE A 12 12.53 19.94 20.90
N PHE A 13 11.73 18.90 21.07
CA PHE A 13 11.86 18.04 22.24
C PHE A 13 12.23 16.66 21.78
N SER A 14 13.04 16.00 22.58
CA SER A 14 13.41 14.67 22.24
C SER A 14 12.78 13.79 23.29
N LEU A 15 12.24 12.66 22.91
CA LEU A 15 11.73 11.77 23.94
C LEU A 15 12.84 10.73 24.14
N ASN A 16 12.52 9.54 24.61
CA ASN A 16 13.55 8.55 24.84
C ASN A 16 14.05 7.64 23.76
N SER A 17 13.34 7.51 22.66
CA SER A 17 13.77 6.57 21.64
C SER A 17 15.12 6.79 20.99
N ASN A 18 15.38 8.02 20.56
CA ASN A 18 16.63 8.28 19.87
C ASN A 18 17.23 9.65 20.20
N PRO A 19 17.73 9.81 21.44
CA PRO A 19 18.33 11.06 21.90
C PRO A 19 19.45 11.57 20.99
N GLU A 20 20.32 10.69 20.54
CA GLU A 20 21.40 11.13 19.65
C GLU A 20 20.91 11.81 18.41
N LEU A 21 20.02 11.16 17.69
CA LEU A 21 19.50 11.70 16.47
C LEU A 21 18.84 13.04 16.72
N ALA A 22 18.12 13.14 17.83
CA ALA A 22 17.43 14.37 18.19
C ALA A 22 18.40 15.52 18.40
N LYS A 23 19.47 15.27 19.15
CA LYS A 23 20.50 16.29 19.45
C LYS A 23 21.19 16.72 18.16
N GLU A 24 21.44 15.76 17.28
CA GLU A 24 22.09 16.04 16.01
C GLU A 24 21.23 17.01 15.21
N ILE A 25 19.93 16.71 15.15
CA ILE A 25 18.99 17.53 14.41
C ILE A 25 18.96 18.95 14.98
N ALA A 26 18.89 19.06 16.30
CA ALA A 26 18.83 20.36 16.94
C ALA A 26 20.09 21.16 16.69
N ASP A 27 21.23 20.48 16.64
CA ASP A 27 22.50 21.18 16.36
C ASP A 27 22.42 21.74 14.94
N ILE A 28 21.94 20.97 13.97
CA ILE A 28 21.86 21.48 12.64
C ILE A 28 20.90 22.65 12.62
N VAL A 29 19.73 22.52 13.24
CA VAL A 29 18.74 23.63 13.23
C VAL A 29 19.28 24.80 14.05
N GLY A 30 20.14 24.52 15.03
CA GLY A 30 20.68 25.58 15.86
C GLY A 30 19.83 26.00 17.06
N VAL A 31 19.29 25.04 17.79
CA VAL A 31 18.48 25.35 18.97
C VAL A 31 18.92 24.40 20.07
N GLN A 32 18.63 24.71 21.33
CA GLN A 32 19.00 23.76 22.36
C GLN A 32 17.70 22.98 22.55
N LEU A 33 17.79 21.66 22.69
CA LEU A 33 16.61 20.83 22.89
C LEU A 33 15.84 21.39 24.05
N GLY A 34 14.53 21.38 23.93
CA GLY A 34 13.66 21.90 24.97
C GLY A 34 13.77 21.21 26.31
N LYS A 35 13.48 21.99 27.34
CA LYS A 35 13.58 21.51 28.69
C LYS A 35 12.40 20.69 29.23
N CYS A 36 12.57 19.38 29.33
CA CYS A 36 11.50 18.54 29.85
C CYS A 36 12.13 17.22 30.21
N SER A 37 11.56 16.51 31.19
CA SER A 37 12.11 15.18 31.49
C SER A 37 10.93 14.22 31.45
N VAL A 38 11.15 13.10 30.81
CA VAL A 38 10.13 12.11 30.66
C VAL A 38 10.74 10.98 31.43
N THR A 39 10.17 10.68 32.58
CA THR A 39 10.70 9.63 33.42
C THR A 39 9.53 8.70 33.78
N ARG A 40 9.81 7.71 34.62
CA ARG A 40 8.84 6.73 35.07
C ARG A 40 8.57 6.90 36.56
N PHE A 41 7.33 6.71 36.99
CA PHE A 41 7.01 6.75 38.41
C PHE A 41 7.45 5.36 38.84
N SER A 42 7.54 5.14 40.15
CA SER A 42 7.97 3.85 40.67
C SER A 42 7.22 2.64 40.07
N ASP A 43 5.95 2.82 39.72
CA ASP A 43 5.13 1.72 39.16
C ASP A 43 5.16 1.49 37.65
N GLY A 44 5.92 2.28 36.90
CA GLY A 44 6.01 2.03 35.47
C GLY A 44 5.26 3.00 34.60
N GLU A 45 4.48 3.89 35.21
CA GLU A 45 3.69 4.87 34.48
C GLU A 45 4.54 6.08 34.09
N VAL A 46 4.28 6.63 32.92
CA VAL A 46 5.02 7.79 32.47
C VAL A 46 4.72 9.06 33.23
N GLN A 47 5.78 9.78 33.51
CA GLN A 47 5.67 11.03 34.24
C GLN A 47 6.30 12.01 33.28
N ILE A 48 5.66 13.13 33.04
CA ILE A 48 6.24 14.08 32.11
C ILE A 48 6.34 15.47 32.68
N ASN A 49 7.58 15.98 32.86
CA ASN A 49 7.75 17.37 33.36
C ASN A 49 8.36 18.27 32.29
N ILE A 50 7.58 19.27 31.88
CA ILE A 50 8.00 20.25 30.92
C ILE A 50 8.43 21.47 31.74
N GLU A 51 9.73 21.69 31.77
CA GLU A 51 10.28 22.73 32.61
C GLU A 51 10.11 24.16 32.21
N GLU A 52 9.73 24.41 30.97
CA GLU A 52 9.52 25.79 30.51
C GLU A 52 8.15 26.00 29.94
N SER A 53 7.70 27.25 29.94
CA SER A 53 6.40 27.56 29.40
C SER A 53 6.57 27.55 27.89
N ILE A 54 5.66 26.90 27.15
CA ILE A 54 5.65 26.77 25.68
C ILE A 54 4.39 27.32 25.00
N ARG A 55 3.69 28.19 25.70
CA ARG A 55 2.50 28.80 25.14
C ARG A 55 2.79 29.51 23.84
N GLY A 56 2.02 29.23 22.79
CA GLY A 56 2.25 29.90 21.54
C GLY A 56 3.44 29.44 20.72
N CYS A 57 4.19 28.46 21.18
CA CYS A 57 5.34 27.97 20.41
C CYS A 57 4.97 26.80 19.49
N ASP A 58 5.80 26.61 18.46
CA ASP A 58 5.64 25.54 17.50
C ASP A 58 6.56 24.48 18.04
N CYS A 59 5.99 23.37 18.48
CA CYS A 59 6.76 22.31 19.08
C CYS A 59 6.96 21.17 18.14
N TYR A 60 8.15 20.62 18.10
CA TYR A 60 8.46 19.49 17.24
C TYR A 60 8.93 18.42 18.21
N ILE A 61 8.38 17.23 18.11
CA ILE A 61 8.80 16.18 19.02
C ILE A 61 9.50 15.15 18.19
N ILE A 62 10.67 14.68 18.60
CA ILE A 62 11.37 13.68 17.83
C ILE A 62 11.28 12.34 18.53
N GLN A 63 10.61 11.37 17.89
CA GLN A 63 10.45 10.06 18.48
C GLN A 63 10.24 8.98 17.46
N SER A 64 11.06 7.96 17.53
CA SER A 64 10.91 6.80 16.69
C SER A 64 10.11 5.85 17.57
N THR A 65 9.14 5.15 17.00
CA THR A 65 8.40 4.23 17.79
C THR A 65 8.98 2.83 17.61
N SER A 66 10.24 2.73 18.00
CA SER A 66 10.99 1.49 17.96
C SER A 66 10.99 0.85 19.35
N ASP A 67 11.64 -0.31 19.44
CA ASP A 67 11.73 -1.07 20.67
C ASP A 67 12.18 -0.32 21.90
N PRO A 68 11.40 -0.40 22.96
CA PRO A 68 10.13 -1.13 23.09
C PRO A 68 9.04 -0.25 22.52
N VAL A 69 8.41 -0.68 21.43
CA VAL A 69 7.40 0.11 20.75
C VAL A 69 6.21 0.66 21.54
N ASN A 70 5.59 -0.14 22.38
CA ASN A 70 4.46 0.33 23.12
C ASN A 70 4.82 1.38 24.14
N GLU A 71 6.06 1.38 24.61
CA GLU A 71 6.43 2.37 25.63
C GLU A 71 6.65 3.71 24.94
N HIS A 72 7.33 3.66 23.80
CA HIS A 72 7.62 4.87 23.05
C HIS A 72 6.37 5.48 22.50
N ILE A 73 5.39 4.64 22.15
CA ILE A 73 4.12 5.15 21.64
C ILE A 73 3.39 5.87 22.75
N MET A 74 3.34 5.29 23.94
CA MET A 74 2.65 5.93 25.04
C MET A 74 3.34 7.21 25.51
N GLU A 75 4.65 7.22 25.64
CA GLU A 75 5.23 8.46 26.08
C GLU A 75 5.08 9.54 25.04
N LEU A 76 4.97 9.17 23.76
CA LEU A 76 4.77 10.16 22.72
C LEU A 76 3.37 10.76 22.86
N LEU A 77 2.35 9.90 23.01
CA LEU A 77 0.96 10.33 23.13
C LEU A 77 0.74 11.18 24.39
N ILE A 78 1.37 10.78 25.47
CA ILE A 78 1.24 11.51 26.69
C ILE A 78 1.93 12.88 26.53
N MET A 79 3.06 12.95 25.83
CA MET A 79 3.70 14.24 25.61
C MET A 79 2.79 15.13 24.78
N VAL A 80 2.24 14.61 23.70
CA VAL A 80 1.33 15.38 22.89
C VAL A 80 0.24 15.97 23.78
N ASP A 81 -0.34 15.16 24.66
CA ASP A 81 -1.38 15.66 25.53
C ASP A 81 -0.92 16.80 26.42
N ALA A 82 0.29 16.69 26.96
CA ALA A 82 0.84 17.75 27.81
C ALA A 82 0.97 19.04 27.01
N LEU A 83 1.51 18.97 25.80
CA LEU A 83 1.68 20.17 24.99
C LEU A 83 0.35 20.82 24.64
N LYS A 84 -0.65 19.99 24.28
CA LYS A 84 -1.96 20.47 23.88
C LYS A 84 -2.56 21.26 25.01
N ARG A 85 -2.50 20.69 26.20
CA ARG A 85 -3.09 21.37 27.35
C ARG A 85 -2.25 22.52 27.90
N ALA A 86 -1.01 22.60 27.45
CA ALA A 86 -0.15 23.67 27.87
C ALA A 86 -0.19 24.78 26.85
N SER A 87 -1.05 24.66 25.84
CA SER A 87 -1.21 25.68 24.79
C SER A 87 -0.18 25.88 23.70
N ALA A 88 0.49 24.80 23.32
CA ALA A 88 1.44 24.85 22.20
C ALA A 88 0.62 25.34 21.02
N LYS A 89 1.27 26.06 20.09
CA LYS A 89 0.57 26.56 18.91
C LYS A 89 0.40 25.42 17.97
N THR A 90 1.44 24.65 17.73
CA THR A 90 1.31 23.52 16.85
C THR A 90 2.07 22.41 17.54
N ILE A 91 1.79 21.16 17.23
CA ILE A 91 2.52 20.09 17.84
C ILE A 91 2.90 19.23 16.66
N ASN A 92 4.16 19.29 16.26
CA ASN A 92 4.64 18.58 15.08
C ASN A 92 5.44 17.38 15.42
N ILE A 93 5.02 16.23 14.91
CA ILE A 93 5.68 14.98 15.22
C ILE A 93 6.67 14.52 14.15
N VAL A 94 7.92 14.34 14.54
CA VAL A 94 8.95 13.88 13.63
C VAL A 94 9.15 12.42 14.01
N ILE A 95 8.74 11.49 13.14
CA ILE A 95 8.85 10.04 13.37
C ILE A 95 9.83 9.40 12.39
N PRO A 96 11.09 9.18 12.80
CA PRO A 96 12.09 8.57 11.91
C PRO A 96 11.76 7.12 11.60
N TYR A 97 11.16 6.40 12.54
CA TYR A 97 10.74 5.03 12.33
C TYR A 97 9.34 4.88 12.91
N TYR A 98 8.43 4.44 12.07
CA TYR A 98 7.04 4.29 12.45
C TYR A 98 6.73 2.83 12.80
N GLY A 99 6.75 2.50 14.08
CA GLY A 99 6.45 1.15 14.50
C GLY A 99 5.03 0.79 14.06
N TYR A 100 4.77 -0.52 13.94
CA TYR A 100 3.48 -1.05 13.55
C TYR A 100 3.15 -0.76 12.09
N ALA A 101 4.09 -0.19 11.33
CA ALA A 101 3.84 0.09 9.92
C ALA A 101 3.66 -1.14 9.06
N ARG A 102 4.01 -2.31 9.57
CA ARG A 102 3.84 -3.54 8.80
C ARG A 102 2.41 -4.07 8.89
N GLN A 103 1.66 -3.64 9.90
CA GLN A 103 0.28 -4.07 10.04
C GLN A 103 -0.54 -2.94 9.36
N ASP A 104 -0.45 -2.90 8.03
CA ASP A 104 -1.08 -1.87 7.22
C ASP A 104 -2.34 -2.35 6.49
N ARG A 105 -2.81 -3.55 6.83
CA ARG A 105 -4.04 -4.11 6.27
C ARG A 105 -4.43 -5.47 6.87
N LYS A 106 -5.58 -6.01 6.49
CA LYS A 106 -5.95 -7.30 7.04
C LYS A 106 -5.45 -8.34 6.08
N ALA A 107 -4.29 -8.90 6.42
CA ALA A 107 -3.62 -9.91 5.60
C ALA A 107 -4.25 -11.25 5.85
N ARG A 108 -4.98 -11.37 6.95
CA ARG A 108 -5.67 -12.60 7.32
C ARG A 108 -6.74 -12.12 8.27
N SER A 109 -7.75 -12.94 8.50
CA SER A 109 -8.90 -12.61 9.35
C SER A 109 -8.74 -12.12 10.80
N ARG A 110 -9.66 -11.24 11.20
CA ARG A 110 -9.74 -10.70 12.55
C ARG A 110 -8.47 -10.01 13.03
N GLU A 111 -7.75 -9.43 12.12
CA GLU A 111 -6.53 -8.76 12.49
C GLU A 111 -6.77 -7.28 12.66
N PRO A 112 -5.99 -6.62 13.53
CA PRO A 112 -6.21 -5.18 13.66
C PRO A 112 -5.39 -4.54 12.54
N ILE A 113 -5.67 -3.27 12.23
CA ILE A 113 -4.85 -2.53 11.28
C ILE A 113 -4.18 -1.46 12.18
N THR A 114 -3.17 -1.90 12.93
CA THR A 114 -2.47 -1.11 13.90
C THR A 114 -1.86 0.18 13.39
N ALA A 115 -1.31 0.19 12.19
CA ALA A 115 -0.74 1.42 11.66
C ALA A 115 -1.81 2.49 11.57
N LYS A 116 -3.03 2.08 11.30
CA LYS A 116 -4.13 3.01 11.22
C LYS A 116 -4.55 3.47 12.59
N LEU A 117 -4.63 2.55 13.57
CA LEU A 117 -5.02 2.91 14.93
C LEU A 117 -4.05 3.91 15.51
N PHE A 118 -2.76 3.70 15.28
CA PHE A 118 -1.75 4.62 15.77
C PHE A 118 -2.03 6.01 15.24
N ALA A 119 -2.29 6.09 13.94
CA ALA A 119 -2.63 7.34 13.30
C ALA A 119 -3.85 7.95 13.98
N ASN A 120 -4.91 7.17 14.17
CA ASN A 120 -6.09 7.71 14.85
C ASN A 120 -5.72 8.18 16.26
N LEU A 121 -4.84 7.46 16.96
CA LEU A 121 -4.47 7.85 18.31
C LEU A 121 -3.73 9.17 18.34
N LEU A 122 -2.78 9.33 17.44
CA LEU A 122 -1.98 10.54 17.36
C LEU A 122 -2.83 11.78 17.12
N GLU A 123 -3.82 11.67 16.26
CA GLU A 123 -4.70 12.80 15.98
C GLU A 123 -5.61 13.10 17.14
N THR A 124 -6.05 12.06 17.82
CA THR A 124 -6.91 12.21 18.95
C THR A 124 -6.14 12.89 20.03
N ALA A 125 -4.89 12.51 20.23
CA ALA A 125 -4.07 13.11 21.28
C ALA A 125 -3.85 14.61 21.03
N GLY A 126 -3.85 15.01 19.77
CA GLY A 126 -3.70 16.40 19.43
C GLY A 126 -2.61 16.76 18.44
N ALA A 127 -2.04 15.81 17.72
CA ALA A 127 -1.01 16.13 16.76
C ALA A 127 -1.50 17.05 15.64
N THR A 128 -0.62 17.94 15.21
CA THR A 128 -0.87 18.92 14.15
C THR A 128 -0.39 18.37 12.81
N ARG A 129 0.79 17.78 12.78
CA ARG A 129 1.30 17.23 11.54
C ARG A 129 2.38 16.22 11.83
N VAL A 130 2.73 15.42 10.83
CA VAL A 130 3.75 14.42 11.00
C VAL A 130 4.77 14.51 9.87
N ILE A 131 6.01 14.20 10.20
CA ILE A 131 7.09 14.14 9.23
C ILE A 131 7.55 12.69 9.42
N ALA A 132 7.40 11.84 8.41
CA ALA A 132 7.79 10.43 8.53
C ALA A 132 8.86 10.06 7.51
N LEU A 133 9.60 8.98 7.74
CA LEU A 133 10.66 8.55 6.84
C LEU A 133 10.48 7.11 6.41
N ASP A 134 10.53 6.86 5.10
CA ASP A 134 10.41 5.49 4.60
C ASP A 134 9.39 4.59 5.28
N LEU A 135 8.13 4.95 5.17
CA LEU A 135 7.03 4.19 5.73
C LEU A 135 6.97 2.87 4.98
N HIS A 136 6.70 1.80 5.70
CA HIS A 136 6.62 0.51 5.09
C HIS A 136 5.71 0.51 3.88
N ALA A 137 4.62 1.23 3.94
CA ALA A 137 3.72 1.30 2.80
C ALA A 137 3.46 2.80 2.65
N PRO A 138 3.66 3.33 1.46
CA PRO A 138 3.41 4.74 1.28
C PRO A 138 1.96 5.16 1.50
N GLN A 139 1.03 4.21 1.36
CA GLN A 139 -0.38 4.47 1.58
C GLN A 139 -0.65 4.87 3.01
N ILE A 140 0.32 4.65 3.89
CA ILE A 140 0.13 5.00 5.29
C ILE A 140 0.03 6.51 5.44
N GLN A 141 0.47 7.23 4.42
CA GLN A 141 0.39 8.66 4.42
C GLN A 141 -1.09 9.05 4.34
N GLY A 142 -1.89 8.20 3.73
CA GLY A 142 -3.31 8.46 3.66
C GLY A 142 -4.09 7.98 4.89
N PHE A 143 -3.42 7.42 5.90
CA PHE A 143 -4.10 6.99 7.10
C PHE A 143 -4.36 8.22 7.96
N PHE A 144 -3.70 9.33 7.62
CA PHE A 144 -3.83 10.56 8.36
C PHE A 144 -4.69 11.54 7.61
N ASP A 145 -5.33 12.47 8.32
CA ASP A 145 -6.10 13.56 7.70
C ASP A 145 -5.45 14.87 8.07
N ILE A 146 -4.40 14.79 8.88
CA ILE A 146 -3.61 15.93 9.22
C ILE A 146 -2.47 15.83 8.20
N PRO A 147 -1.78 16.93 7.95
CA PRO A 147 -0.68 16.95 6.99
C PRO A 147 0.42 16.02 7.41
N ILE A 148 1.00 15.35 6.44
CA ILE A 148 2.08 14.47 6.72
C ILE A 148 2.99 14.49 5.53
N ASP A 149 4.28 14.71 5.81
CA ASP A 149 5.37 14.72 4.83
C ASP A 149 6.12 13.40 4.92
N HIS A 150 6.38 12.80 3.78
CA HIS A 150 7.01 11.47 3.76
C HIS A 150 8.38 11.63 3.10
N LEU A 151 9.45 11.69 3.89
CA LEU A 151 10.80 11.82 3.35
C LEU A 151 11.26 10.44 2.90
N MET A 152 12.21 10.41 1.95
CA MET A 152 12.76 9.18 1.37
C MET A 152 14.18 8.86 1.83
N GLY A 153 14.51 7.60 2.04
CA GLY A 153 15.86 7.31 2.50
C GLY A 153 16.80 6.73 1.46
N VAL A 154 16.22 6.24 0.38
CA VAL A 154 16.99 5.64 -0.68
C VAL A 154 18.10 6.54 -1.21
N PRO A 155 17.81 7.82 -1.45
CA PRO A 155 18.88 8.69 -1.95
C PRO A 155 20.10 8.68 -1.03
N ILE A 156 19.89 8.47 0.25
CA ILE A 156 21.02 8.45 1.15
C ILE A 156 21.87 7.20 1.00
N LEU A 157 21.19 6.06 0.84
CA LEU A 157 21.87 4.79 0.67
C LEU A 157 22.51 4.74 -0.72
N GLY A 158 21.86 5.36 -1.68
CA GLY A 158 22.39 5.37 -3.02
C GLY A 158 23.70 6.16 -3.09
N GLU A 159 23.72 7.33 -2.45
CA GLU A 159 24.95 8.13 -2.49
C GLU A 159 26.08 7.33 -1.92
N TYR A 160 25.84 6.65 -0.81
CA TYR A 160 26.90 5.88 -0.21
C TYR A 160 27.38 4.71 -1.05
N PHE A 161 26.54 4.13 -1.91
CA PHE A 161 27.04 3.02 -2.70
C PHE A 161 27.83 3.53 -3.89
N GLU A 162 27.38 4.63 -4.47
CA GLU A 162 28.09 5.22 -5.62
C GLU A 162 29.54 5.49 -5.21
N GLY A 163 29.75 5.73 -3.91
CA GLY A 163 31.10 5.99 -3.47
C GLY A 163 31.86 4.71 -3.29
N LYS A 164 31.35 3.58 -3.74
CA LYS A 164 32.09 2.35 -3.52
C LYS A 164 32.80 1.95 -4.80
N ASN A 165 32.35 2.51 -5.92
CA ASN A 165 32.95 2.23 -7.20
C ASN A 165 32.81 0.75 -7.54
N LEU A 166 31.64 0.23 -7.20
CA LEU A 166 31.31 -1.18 -7.47
C LEU A 166 30.94 -1.28 -8.94
N GLU A 167 31.40 -2.34 -9.63
CA GLU A 167 30.99 -2.48 -11.03
C GLU A 167 30.27 -3.78 -11.21
N ASP A 168 29.43 -3.78 -12.24
CA ASP A 168 28.62 -4.92 -12.56
C ASP A 168 27.68 -5.16 -11.37
N ILE A 169 26.85 -4.15 -11.01
CA ILE A 169 25.92 -4.30 -9.90
C ILE A 169 24.57 -4.79 -10.38
N VAL A 170 23.85 -5.43 -9.47
CA VAL A 170 22.49 -5.86 -9.73
C VAL A 170 21.84 -5.58 -8.40
N ILE A 171 20.69 -4.91 -8.43
CA ILE A 171 19.97 -4.61 -7.18
C ILE A 171 19.00 -5.78 -7.00
N VAL A 172 18.98 -6.34 -5.82
CA VAL A 172 18.14 -7.49 -5.57
C VAL A 172 17.08 -7.26 -4.49
N SER A 173 15.83 -7.57 -4.85
CA SER A 173 14.72 -7.45 -3.93
C SER A 173 14.62 -8.76 -3.21
N PRO A 174 14.63 -8.76 -1.88
CA PRO A 174 14.54 -9.99 -1.10
C PRO A 174 13.21 -10.71 -1.13
N ASP A 175 12.17 -10.09 -1.70
CA ASP A 175 10.85 -10.71 -1.84
C ASP A 175 9.96 -9.95 -2.82
N HIS A 176 8.74 -10.40 -3.04
CA HIS A 176 7.85 -9.80 -4.03
C HIS A 176 7.38 -8.40 -3.80
N GLY A 177 7.21 -8.04 -2.53
CA GLY A 177 6.73 -6.72 -2.22
C GLY A 177 7.79 -5.64 -2.16
N GLY A 178 9.06 -6.00 -2.41
CA GLY A 178 10.12 -5.00 -2.35
C GLY A 178 10.67 -4.57 -3.70
N VAL A 179 10.05 -5.01 -4.78
CA VAL A 179 10.53 -4.67 -6.10
C VAL A 179 10.49 -3.17 -6.42
N THR A 180 9.47 -2.44 -5.96
CA THR A 180 9.44 -1.01 -6.26
C THR A 180 10.62 -0.30 -5.62
N ARG A 181 10.92 -0.68 -4.40
CA ARG A 181 12.02 -0.07 -3.68
C ARG A 181 13.32 -0.37 -4.43
N ALA A 182 13.54 -1.66 -4.70
CA ALA A 182 14.72 -2.10 -5.43
C ALA A 182 14.90 -1.30 -6.71
N ARG A 183 13.78 -0.99 -7.34
CA ARG A 183 13.81 -0.23 -8.57
C ARG A 183 14.21 1.20 -8.33
N LYS A 184 13.83 1.81 -7.21
CA LYS A 184 14.26 3.19 -6.99
C LYS A 184 15.79 3.25 -6.81
N LEU A 185 16.36 2.22 -6.17
CA LEU A 185 17.80 2.18 -5.99
C LEU A 185 18.51 1.83 -7.30
N ALA A 186 17.90 0.97 -8.11
CA ALA A 186 18.51 0.60 -9.38
C ALA A 186 18.56 1.85 -10.26
N ASP A 187 17.46 2.59 -10.29
CA ASP A 187 17.39 3.79 -11.10
C ASP A 187 18.55 4.67 -10.77
N ARG A 188 18.73 4.94 -9.49
CA ARG A 188 19.83 5.74 -9.03
C ARG A 188 21.10 5.17 -9.67
N LEU A 189 21.43 3.94 -9.32
CA LEU A 189 22.65 3.30 -9.80
C LEU A 189 22.59 2.82 -11.24
N LYS A 190 21.60 3.26 -12.01
CA LYS A 190 21.49 2.81 -13.40
C LYS A 190 21.88 1.36 -13.52
N ALA A 191 21.26 0.51 -12.71
CA ALA A 191 21.56 -0.90 -12.74
C ALA A 191 20.30 -1.76 -12.92
N PRO A 192 20.48 -3.07 -13.14
CA PRO A 192 19.40 -4.04 -13.33
C PRO A 192 18.92 -4.57 -12.00
N ILE A 193 17.84 -5.33 -12.02
CA ILE A 193 17.32 -5.88 -10.77
C ILE A 193 17.03 -7.37 -10.92
N ALA A 194 17.10 -8.09 -9.82
CA ALA A 194 16.77 -9.50 -9.80
C ALA A 194 15.92 -9.62 -8.57
N ILE A 195 15.13 -10.66 -8.47
CA ILE A 195 14.32 -10.81 -7.28
C ILE A 195 14.39 -12.23 -6.73
N ILE A 196 14.28 -12.36 -5.42
CA ILE A 196 14.29 -13.66 -4.79
C ILE A 196 12.81 -14.10 -4.76
N ASP A 197 12.52 -15.25 -5.36
CA ASP A 197 11.17 -15.77 -5.40
C ASP A 197 11.13 -17.02 -4.50
N LYS A 198 10.82 -16.84 -3.22
CA LYS A 198 10.76 -17.97 -2.26
C LYS A 198 9.33 -18.47 -2.15
N ARG A 199 9.10 -19.78 -2.30
CA ARG A 199 7.73 -20.35 -2.21
C ARG A 199 7.40 -21.03 -0.88
N MET A 209 13.14 -21.24 -3.00
CA MET A 209 13.98 -20.01 -3.08
C MET A 209 14.60 -19.88 -4.44
N ASN A 210 13.90 -19.28 -5.38
CA ASN A 210 14.46 -19.10 -6.70
C ASN A 210 14.95 -17.72 -6.89
N ILE A 211 15.75 -17.54 -7.93
CA ILE A 211 16.31 -16.26 -8.19
C ILE A 211 15.93 -15.97 -9.60
N VAL A 212 15.18 -14.91 -9.76
CA VAL A 212 14.67 -14.45 -11.05
C VAL A 212 15.52 -13.27 -11.50
N GLY A 213 16.41 -13.51 -12.45
CA GLY A 213 17.27 -12.43 -12.91
C GLY A 213 18.70 -12.92 -12.97
N ASN A 214 19.52 -12.23 -13.73
CA ASN A 214 20.93 -12.56 -13.94
C ASN A 214 21.79 -11.92 -12.84
N ILE A 215 22.36 -12.75 -11.98
CA ILE A 215 23.19 -12.29 -10.85
C ILE A 215 24.60 -12.92 -10.96
N GLU A 216 24.85 -13.53 -12.11
CA GLU A 216 26.12 -14.23 -12.34
C GLU A 216 27.27 -13.29 -12.52
N GLY A 217 28.23 -13.38 -11.58
CA GLY A 217 29.40 -12.53 -11.60
C GLY A 217 29.12 -11.05 -11.37
N LYS A 218 28.08 -10.72 -10.60
CA LYS A 218 27.76 -9.31 -10.36
C LYS A 218 27.83 -8.98 -8.91
N THR A 219 28.04 -7.71 -8.56
CA THR A 219 28.04 -7.34 -7.17
C THR A 219 26.56 -7.10 -6.89
N ALA A 220 26.02 -7.95 -6.03
CA ALA A 220 24.61 -7.87 -5.69
C ALA A 220 24.36 -6.97 -4.47
N ILE A 221 23.40 -6.04 -4.58
CA ILE A 221 23.06 -5.21 -3.43
C ILE A 221 21.63 -5.59 -3.06
N LEU A 222 21.48 -6.14 -1.86
CA LEU A 222 20.18 -6.51 -1.34
C LEU A 222 19.62 -5.27 -0.62
N ILE A 223 18.38 -4.85 -0.92
CA ILE A 223 17.81 -3.70 -0.27
C ILE A 223 16.41 -3.98 0.23
N ASP A 224 16.14 -3.64 1.48
CA ASP A 224 14.83 -3.81 2.04
C ASP A 224 14.60 -2.54 2.87
N ASP A 225 13.37 -2.31 3.27
CA ASP A 225 13.09 -1.15 4.10
C ASP A 225 13.45 -1.40 5.57
N ILE A 226 13.09 -2.56 6.10
CA ILE A 226 13.37 -2.91 7.48
C ILE A 226 14.15 -4.21 7.51
N ILE A 227 15.16 -4.29 8.37
CA ILE A 227 15.89 -5.53 8.57
C ILE A 227 15.61 -5.81 10.04
N ASP A 228 14.79 -6.82 10.27
CA ASP A 228 14.37 -7.21 11.59
C ASP A 228 15.11 -8.45 12.14
N THR A 229 14.64 -9.66 11.82
CA THR A 229 15.31 -10.89 12.32
C THR A 229 16.44 -11.36 11.38
N ALA A 230 16.46 -10.85 10.15
CA ALA A 230 17.49 -11.16 9.17
C ALA A 230 17.40 -12.54 8.54
N GLY A 231 16.29 -13.24 8.76
CA GLY A 231 16.12 -14.56 8.18
C GLY A 231 16.14 -14.56 6.67
N THR A 232 15.27 -13.77 6.09
CA THR A 232 15.20 -13.68 4.65
C THR A 232 16.44 -13.09 3.99
N ILE A 233 16.97 -12.05 4.60
CA ILE A 233 18.12 -11.35 4.04
C ILE A 233 19.39 -12.16 4.04
N THR A 234 19.71 -12.80 5.16
CA THR A 234 20.92 -13.58 5.20
C THR A 234 20.74 -14.80 4.32
N LEU A 235 19.57 -15.38 4.38
CA LEU A 235 19.26 -16.55 3.60
C LEU A 235 19.39 -16.24 2.13
N ALA A 236 18.97 -15.03 1.75
CA ALA A 236 19.05 -14.57 0.36
C ALA A 236 20.51 -14.33 -0.03
N ALA A 237 21.30 -13.79 0.89
CA ALA A 237 22.70 -13.50 0.60
C ALA A 237 23.45 -14.76 0.18
N ASN A 238 23.52 -15.70 1.11
CA ASN A 238 24.18 -16.98 0.86
C ASN A 238 23.72 -17.59 -0.47
N ALA A 239 22.41 -17.55 -0.74
CA ALA A 239 21.93 -18.08 -2.01
C ALA A 239 22.48 -17.24 -3.19
N LEU A 240 22.66 -15.94 -2.97
CA LEU A 240 23.17 -15.13 -4.07
C LEU A 240 24.56 -15.64 -4.41
N VAL A 241 25.38 -15.78 -3.38
CA VAL A 241 26.75 -16.26 -3.55
C VAL A 241 26.78 -17.66 -4.20
N GLU A 242 26.03 -18.58 -3.62
CA GLU A 242 25.96 -19.93 -4.16
C GLU A 242 25.61 -19.89 -5.63
N ASN A 243 24.73 -18.98 -6.03
CA ASN A 243 24.37 -18.95 -7.43
C ASN A 243 25.26 -18.15 -8.35
N GLY A 244 26.46 -17.79 -7.89
CA GLY A 244 27.37 -17.06 -8.78
C GLY A 244 27.65 -15.58 -8.62
N ALA A 245 27.08 -14.92 -7.60
CA ALA A 245 27.36 -13.50 -7.37
C ALA A 245 28.78 -13.39 -6.81
N LYS A 246 29.50 -12.37 -7.27
CA LYS A 246 30.87 -12.05 -6.85
C LYS A 246 30.91 -11.64 -5.37
N GLU A 247 29.92 -10.88 -4.92
CA GLU A 247 29.86 -10.44 -3.53
C GLU A 247 28.46 -9.83 -3.28
N VAL A 248 28.04 -9.83 -2.02
CA VAL A 248 26.74 -9.30 -1.65
C VAL A 248 26.83 -8.22 -0.57
N TYR A 249 26.12 -7.13 -0.83
CA TYR A 249 26.00 -6.00 0.11
C TYR A 249 24.55 -6.02 0.53
N ALA A 250 24.25 -5.41 1.66
CA ALA A 250 22.87 -5.37 2.11
C ALA A 250 22.58 -4.03 2.74
N CYS A 251 21.40 -3.49 2.49
CA CYS A 251 21.09 -2.22 3.12
C CYS A 251 19.60 -2.12 3.37
N CYS A 252 19.26 -1.26 4.32
CA CYS A 252 17.89 -1.00 4.69
C CYS A 252 17.90 0.38 5.33
N THR A 253 16.71 0.94 5.49
CA THR A 253 16.59 2.23 6.14
C THR A 253 16.51 2.03 7.64
N HIS A 254 15.66 1.11 8.08
CA HIS A 254 15.46 0.90 9.52
C HIS A 254 16.07 -0.40 10.08
N PRO A 255 17.08 -0.27 10.93
CA PRO A 255 17.73 -1.44 11.53
C PRO A 255 17.05 -1.95 12.79
N VAL A 256 15.93 -2.66 12.63
CA VAL A 256 15.25 -3.19 13.83
C VAL A 256 16.15 -4.23 14.47
N LEU A 257 16.71 -5.10 13.64
CA LEU A 257 17.66 -6.11 14.09
C LEU A 257 17.30 -6.71 15.42
N SER A 258 16.17 -7.43 15.48
CA SER A 258 15.84 -8.03 16.78
C SER A 258 16.09 -9.52 16.68
N GLY A 259 16.04 -10.17 17.84
CA GLY A 259 16.22 -11.62 17.87
C GLY A 259 17.64 -11.99 17.57
N PRO A 260 17.85 -12.96 16.67
CA PRO A 260 19.18 -13.45 16.27
C PRO A 260 19.73 -12.72 15.02
N ALA A 261 19.24 -11.49 14.75
CA ALA A 261 19.68 -10.72 13.57
C ALA A 261 21.18 -10.52 13.49
N VAL A 262 21.77 -9.90 14.50
CA VAL A 262 23.21 -9.65 14.51
C VAL A 262 23.99 -10.97 14.34
N GLU A 263 23.60 -11.97 15.12
CA GLU A 263 24.20 -13.30 15.12
C GLU A 263 24.25 -13.70 13.67
N ARG A 264 23.08 -13.70 13.04
CA ARG A 264 22.94 -14.13 11.65
C ARG A 264 23.73 -13.31 10.62
N ILE A 265 23.72 -11.98 10.79
CA ILE A 265 24.37 -11.12 9.84
C ILE A 265 25.86 -11.36 9.90
N ASN A 266 26.40 -11.28 11.11
CA ASN A 266 27.84 -11.50 11.34
C ASN A 266 28.29 -12.80 10.70
N ASN A 267 27.48 -13.85 10.80
CA ASN A 267 27.90 -15.14 10.20
C ASN A 267 27.56 -15.30 8.72
N SER A 268 26.96 -14.29 8.07
CA SER A 268 26.62 -14.48 6.66
C SER A 268 27.71 -14.05 5.69
N THR A 269 27.41 -14.15 4.40
CA THR A 269 28.35 -13.76 3.38
C THR A 269 28.13 -12.29 3.00
N ILE A 270 27.37 -11.54 3.80
CA ILE A 270 27.11 -10.14 3.49
C ILE A 270 28.43 -9.38 3.71
N LYS A 271 28.96 -8.75 2.66
CA LYS A 271 30.22 -8.03 2.82
C LYS A 271 30.12 -6.87 3.79
N GLU A 272 29.02 -6.11 3.71
CA GLU A 272 28.79 -4.93 4.55
C GLU A 272 27.31 -4.63 4.69
N LEU A 273 26.83 -4.43 5.90
CA LEU A 273 25.43 -4.09 6.12
C LEU A 273 25.36 -2.57 6.30
N VAL A 274 24.63 -1.90 5.44
CA VAL A 274 24.53 -0.44 5.49
C VAL A 274 23.15 -0.02 6.00
N VAL A 275 23.08 0.71 7.11
CA VAL A 275 21.78 1.16 7.66
C VAL A 275 21.79 2.64 7.99
N THR A 276 20.67 3.18 8.48
CA THR A 276 20.65 4.58 8.87
C THR A 276 20.42 4.63 10.36
N ASN A 277 20.55 5.81 10.93
CA ASN A 277 20.34 5.96 12.34
C ASN A 277 18.90 6.34 12.71
N SER A 278 17.94 5.92 11.90
CA SER A 278 16.54 6.20 12.18
C SER A 278 16.20 5.44 13.48
N ILE A 279 16.90 4.33 13.72
CA ILE A 279 16.73 3.55 14.95
C ILE A 279 18.12 3.38 15.60
N LYS A 280 18.17 3.64 16.91
CA LYS A 280 19.37 3.49 17.73
C LYS A 280 19.75 2.02 17.83
N LEU A 281 21.05 1.75 17.75
CA LEU A 281 21.61 0.39 17.83
C LEU A 281 21.85 0.00 19.26
N LYS A 286 26.64 -5.43 18.66
CA LYS A 286 27.83 -5.06 17.84
C LYS A 286 27.95 -5.93 16.59
N ILE A 287 27.86 -5.31 15.41
CA ILE A 287 27.94 -5.92 14.06
C ILE A 287 29.37 -5.67 13.56
N GLU A 288 29.93 -6.64 12.84
CA GLU A 288 31.31 -6.51 12.37
C GLU A 288 31.46 -5.65 11.12
N ARG A 289 30.70 -5.99 10.09
CA ARG A 289 30.85 -5.27 8.85
C ARG A 289 29.63 -4.40 8.58
N PHE A 290 29.54 -3.25 9.23
CA PHE A 290 28.39 -2.41 8.98
C PHE A 290 28.81 -0.95 8.80
N LYS A 291 27.84 -0.11 8.47
CA LYS A 291 28.07 1.29 8.29
C LYS A 291 26.76 1.96 8.58
N GLN A 292 26.75 2.94 9.47
CA GLN A 292 25.51 3.64 9.78
C GLN A 292 25.57 5.04 9.16
N LEU A 293 24.61 5.35 8.31
CA LEU A 293 24.53 6.67 7.70
C LEU A 293 23.50 7.52 8.49
N SER A 294 23.61 8.84 8.49
CA SER A 294 22.72 9.66 9.26
C SER A 294 21.61 10.35 8.52
N VAL A 295 20.39 10.25 9.05
CA VAL A 295 19.25 10.91 8.41
C VAL A 295 19.06 12.26 9.09
N GLY A 296 20.00 12.62 9.96
CA GLY A 296 19.94 13.86 10.70
C GLY A 296 19.81 15.07 9.79
N PRO A 297 20.70 15.21 8.78
CA PRO A 297 20.61 16.35 7.88
C PRO A 297 19.27 16.42 7.16
N LEU A 298 18.77 15.28 6.71
CA LEU A 298 17.52 15.26 5.99
C LEU A 298 16.37 15.72 6.86
N LEU A 299 16.27 15.22 8.08
CA LEU A 299 15.15 15.58 8.94
C LEU A 299 15.21 17.03 9.37
N ALA A 300 16.42 17.50 9.69
CA ALA A 300 16.65 18.87 10.11
C ALA A 300 16.21 19.90 9.06
N GLU A 301 16.58 19.69 7.81
CA GLU A 301 16.22 20.63 6.76
C GLU A 301 14.71 20.61 6.62
N ALA A 302 14.10 19.44 6.79
CA ALA A 302 12.64 19.32 6.66
C ALA A 302 11.94 20.11 7.74
N ILE A 303 12.45 20.06 8.94
CA ILE A 303 11.87 20.81 10.04
C ILE A 303 11.97 22.29 9.72
N ILE A 304 13.12 22.75 9.27
CA ILE A 304 13.30 24.15 8.93
C ILE A 304 12.31 24.54 7.86
N ARG A 305 12.20 23.78 6.79
CA ARG A 305 11.24 24.17 5.77
C ARG A 305 9.79 24.11 6.27
N VAL A 306 9.44 23.19 7.16
CA VAL A 306 8.07 23.15 7.63
C VAL A 306 7.79 24.39 8.44
N HIS A 307 8.69 24.72 9.35
CA HIS A 307 8.51 25.89 10.19
C HIS A 307 8.47 27.24 9.46
N GLU A 308 9.24 27.33 8.36
CA GLU A 308 9.35 28.53 7.53
C GLU A 308 8.37 28.55 6.43
N GLN A 309 7.77 27.40 6.16
CA GLN A 309 6.81 27.36 5.09
C GLN A 309 7.43 27.60 3.73
N GLN A 310 8.49 26.85 3.50
CA GLN A 310 9.20 26.84 2.24
C GLN A 310 8.79 25.50 1.62
N SER A 311 9.19 25.23 0.39
CA SER A 311 8.80 24.01 -0.26
C SER A 311 9.52 22.77 0.28
N VAL A 312 8.78 21.73 0.62
CA VAL A 312 9.45 20.53 1.09
C VAL A 312 9.78 19.67 -0.11
N SER A 313 9.01 19.79 -1.16
CA SER A 313 9.28 18.97 -2.31
C SER A 313 10.61 19.36 -2.93
N TYR A 314 11.15 20.49 -2.53
CA TYR A 314 12.47 20.87 -3.05
C TYR A 314 13.46 19.76 -2.72
N LEU A 315 13.18 19.01 -1.65
CA LEU A 315 14.06 17.93 -1.17
C LEU A 315 14.01 16.61 -1.94
N PHE A 316 13.06 16.42 -2.83
CA PHE A 316 12.97 15.16 -3.57
C PHE A 316 13.53 15.31 -4.94
N ASN B 9 -35.55 -7.43 7.30
CA ASN B 9 -34.96 -8.44 6.35
C ASN B 9 -33.94 -7.69 5.48
N LEU B 10 -33.51 -8.33 4.38
CA LEU B 10 -32.51 -7.81 3.45
C LEU B 10 -33.00 -7.12 2.15
N LYS B 11 -32.59 -5.87 1.90
CA LYS B 11 -33.00 -5.15 0.69
C LYS B 11 -31.73 -4.81 -0.08
N ILE B 12 -31.75 -5.04 -1.39
CA ILE B 12 -30.58 -4.78 -2.22
C ILE B 12 -30.97 -3.75 -3.27
N PHE B 13 -30.20 -2.67 -3.38
CA PHE B 13 -30.50 -1.66 -4.39
C PHE B 13 -29.36 -1.59 -5.34
N SER B 14 -29.71 -1.36 -6.58
CA SER B 14 -28.72 -1.24 -7.59
C SER B 14 -28.75 0.20 -8.04
N LEU B 15 -27.60 0.81 -8.23
CA LEU B 15 -27.61 2.15 -8.75
C LEU B 15 -27.35 1.99 -10.26
N ASN B 16 -26.83 3.01 -10.92
CA ASN B 16 -26.61 2.92 -12.36
C ASN B 16 -25.36 2.34 -12.96
N SER B 17 -24.32 2.16 -12.17
CA SER B 17 -23.10 1.65 -12.76
C SER B 17 -23.13 0.28 -13.35
N ASN B 18 -23.71 -0.70 -12.67
CA ASN B 18 -23.69 -2.08 -13.16
C ASN B 18 -24.97 -2.83 -12.81
N PRO B 19 -26.07 -2.48 -13.46
CA PRO B 19 -27.37 -3.10 -13.24
C PRO B 19 -27.37 -4.61 -13.41
N GLU B 20 -26.66 -5.10 -14.42
CA GLU B 20 -26.61 -6.53 -14.65
C GLU B 20 -26.03 -7.29 -13.50
N LEU B 21 -24.86 -6.87 -13.07
CA LEU B 21 -24.21 -7.52 -11.95
C LEU B 21 -25.11 -7.51 -10.73
N ALA B 22 -25.80 -6.40 -10.52
CA ALA B 22 -26.69 -6.23 -9.36
C ALA B 22 -27.80 -7.24 -9.38
N LYS B 23 -28.49 -7.29 -10.52
CA LYS B 23 -29.58 -8.24 -10.79
C LYS B 23 -29.08 -9.68 -10.61
N GLU B 24 -27.86 -9.94 -11.08
CA GLU B 24 -27.27 -11.26 -10.96
C GLU B 24 -27.04 -11.57 -9.49
N ILE B 25 -26.56 -10.60 -8.75
CA ILE B 25 -26.31 -10.81 -7.33
C ILE B 25 -27.62 -11.01 -6.55
N ALA B 26 -28.66 -10.28 -6.93
CA ALA B 26 -29.94 -10.38 -6.23
C ALA B 26 -30.57 -11.76 -6.44
N ASP B 27 -30.48 -12.23 -7.69
CA ASP B 27 -31.02 -13.54 -8.03
C ASP B 27 -30.21 -14.62 -7.31
N ILE B 28 -28.89 -14.55 -7.33
CA ILE B 28 -28.16 -15.58 -6.64
C ILE B 28 -28.58 -15.56 -5.18
N VAL B 29 -28.83 -14.37 -4.65
CA VAL B 29 -29.19 -14.30 -3.23
C VAL B 29 -30.61 -14.78 -2.98
N GLY B 30 -31.46 -14.61 -3.98
CA GLY B 30 -32.84 -15.04 -3.87
C GLY B 30 -33.84 -13.97 -3.51
N VAL B 31 -33.55 -12.69 -3.80
CA VAL B 31 -34.47 -11.61 -3.46
C VAL B 31 -34.65 -10.74 -4.65
N GLN B 32 -35.72 -9.96 -4.63
CA GLN B 32 -35.99 -9.04 -5.72
C GLN B 32 -35.23 -7.79 -5.37
N LEU B 33 -34.68 -7.12 -6.40
CA LEU B 33 -33.96 -5.86 -6.22
C LEU B 33 -34.92 -4.81 -5.64
N GLY B 34 -34.39 -3.89 -4.84
CA GLY B 34 -35.22 -2.86 -4.24
C GLY B 34 -35.89 -1.93 -5.22
N LYS B 35 -37.06 -1.43 -4.84
CA LYS B 35 -37.81 -0.55 -5.71
C LYS B 35 -37.31 0.85 -5.47
N CYS B 36 -36.82 1.51 -6.51
CA CYS B 36 -36.38 2.88 -6.34
C CYS B 36 -35.93 3.38 -7.67
N SER B 37 -36.27 4.60 -7.99
CA SER B 37 -35.84 5.17 -9.26
C SER B 37 -34.68 6.09 -8.88
N VAL B 38 -33.55 5.96 -9.57
CA VAL B 38 -32.41 6.81 -9.32
C VAL B 38 -32.27 7.62 -10.60
N THR B 39 -33.02 8.68 -10.76
CA THR B 39 -32.92 9.40 -12.00
C THR B 39 -32.13 10.67 -11.90
N ARG B 40 -32.29 11.55 -12.89
CA ARG B 40 -31.61 12.83 -12.99
C ARG B 40 -32.61 13.91 -13.39
N PHE B 41 -32.72 14.99 -12.63
CA PHE B 41 -33.64 16.07 -13.00
C PHE B 41 -33.06 16.66 -14.30
N SER B 42 -33.87 17.47 -14.95
CA SER B 42 -33.50 18.10 -16.21
C SER B 42 -32.14 18.81 -16.17
N ASP B 43 -31.75 19.29 -14.99
CA ASP B 43 -30.46 20.00 -14.85
C ASP B 43 -29.24 19.11 -14.51
N GLY B 44 -29.41 17.81 -14.65
CA GLY B 44 -28.31 16.93 -14.36
C GLY B 44 -28.12 16.63 -12.89
N GLU B 45 -28.98 17.18 -12.04
CA GLU B 45 -28.87 16.91 -10.62
C GLU B 45 -29.48 15.54 -10.40
N VAL B 46 -28.93 14.76 -9.46
CA VAL B 46 -29.43 13.42 -9.19
C VAL B 46 -30.70 13.42 -8.36
N GLN B 47 -31.68 12.67 -8.84
CA GLN B 47 -32.96 12.54 -8.16
C GLN B 47 -33.13 11.10 -7.71
N ILE B 48 -33.53 10.92 -6.46
CA ILE B 48 -33.66 9.59 -5.93
C ILE B 48 -35.00 9.28 -5.25
N ASN B 49 -35.68 8.23 -5.74
CA ASN B 49 -36.96 7.80 -5.16
C ASN B 49 -36.80 6.37 -4.72
N ILE B 50 -36.98 6.12 -3.43
CA ILE B 50 -36.95 4.78 -2.87
C ILE B 50 -38.43 4.53 -2.69
N GLU B 51 -38.99 3.75 -3.62
CA GLU B 51 -40.41 3.44 -3.65
C GLU B 51 -41.05 2.45 -2.67
N GLU B 52 -40.30 2.01 -1.66
CA GLU B 52 -40.84 1.13 -0.63
C GLU B 52 -40.22 1.52 0.71
N SER B 53 -40.97 1.41 1.79
CA SER B 53 -40.45 1.81 3.07
C SER B 53 -39.26 0.95 3.43
N ILE B 54 -38.25 1.56 4.03
CA ILE B 54 -37.10 0.75 4.39
C ILE B 54 -36.70 0.91 5.84
N ARG B 55 -37.59 1.45 6.67
CA ARG B 55 -37.27 1.63 8.07
C ARG B 55 -36.83 0.32 8.71
N GLY B 56 -35.74 0.33 9.44
CA GLY B 56 -35.32 -0.87 10.10
C GLY B 56 -34.73 -1.97 9.24
N CYS B 57 -34.63 -1.76 7.92
CA CYS B 57 -34.04 -2.80 7.04
C CYS B 57 -32.53 -2.64 6.89
N ASP B 58 -31.91 -3.73 6.49
CA ASP B 58 -30.49 -3.74 6.23
C ASP B 58 -30.38 -3.57 4.73
N CYS B 59 -29.88 -2.44 4.30
CA CYS B 59 -29.79 -2.17 2.91
C CYS B 59 -28.39 -2.41 2.38
N TYR B 60 -28.30 -2.95 1.18
CA TYR B 60 -27.04 -3.20 0.54
C TYR B 60 -27.14 -2.43 -0.78
N ILE B 61 -26.16 -1.61 -1.11
CA ILE B 61 -26.24 -0.87 -2.34
C ILE B 61 -25.15 -1.39 -3.19
N ILE B 62 -25.44 -1.68 -4.46
CA ILE B 62 -24.43 -2.20 -5.36
C ILE B 62 -24.03 -1.13 -6.36
N GLN B 63 -22.79 -0.67 -6.28
CA GLN B 63 -22.30 0.35 -7.19
C GLN B 63 -20.80 0.32 -7.38
N SER B 64 -20.39 0.25 -8.64
CA SER B 64 -19.00 0.33 -8.99
C SER B 64 -18.78 1.82 -9.27
N THR B 65 -17.67 2.38 -8.85
CA THR B 65 -17.48 3.78 -9.17
C THR B 65 -16.59 3.89 -10.41
N SER B 66 -17.14 3.36 -11.49
CA SER B 66 -16.47 3.37 -12.75
C SER B 66 -17.03 4.48 -13.60
N ASP B 67 -16.48 4.64 -14.79
CA ASP B 67 -16.89 5.67 -15.74
C ASP B 67 -18.37 5.80 -15.97
N PRO B 68 -18.90 7.02 -15.80
CA PRO B 68 -18.20 8.23 -15.39
C PRO B 68 -18.07 8.24 -13.88
N VAL B 69 -16.85 8.18 -13.40
CA VAL B 69 -16.64 8.07 -11.96
C VAL B 69 -17.28 9.07 -11.01
N ASN B 70 -17.18 10.34 -11.33
CA ASN B 70 -17.74 11.35 -10.47
C ASN B 70 -19.26 11.31 -10.39
N GLU B 71 -19.94 10.80 -11.42
CA GLU B 71 -21.38 10.74 -11.38
C GLU B 71 -21.79 9.58 -10.51
N HIS B 72 -21.13 8.45 -10.67
CA HIS B 72 -21.47 7.28 -9.87
C HIS B 72 -21.17 7.52 -8.40
N ILE B 73 -20.10 8.27 -8.12
CA ILE B 73 -19.74 8.57 -6.73
C ILE B 73 -20.83 9.41 -6.10
N MET B 74 -21.28 10.43 -6.81
CA MET B 74 -22.30 11.30 -6.28
C MET B 74 -23.65 10.60 -6.12
N GLU B 75 -24.09 9.82 -7.10
CA GLU B 75 -25.38 9.20 -6.87
C GLU B 75 -25.26 8.18 -5.75
N LEU B 76 -24.09 7.63 -5.51
CA LEU B 76 -23.93 6.69 -4.40
C LEU B 76 -24.05 7.45 -3.06
N LEU B 77 -23.34 8.56 -2.95
CA LEU B 77 -23.39 9.35 -1.74
C LEU B 77 -24.80 9.85 -1.47
N ILE B 78 -25.46 10.33 -2.53
CA ILE B 78 -26.81 10.85 -2.37
C ILE B 78 -27.76 9.75 -1.92
N MET B 79 -27.57 8.54 -2.45
CA MET B 79 -28.40 7.40 -2.04
C MET B 79 -28.16 7.06 -0.56
N VAL B 80 -26.90 7.06 -0.13
CA VAL B 80 -26.59 6.80 1.25
C VAL B 80 -27.32 7.81 2.14
N ASP B 81 -27.32 9.06 1.73
CA ASP B 81 -28.00 10.06 2.52
C ASP B 81 -29.50 9.78 2.61
N ALA B 82 -30.10 9.40 1.49
CA ALA B 82 -31.52 9.11 1.48
C ALA B 82 -31.85 8.00 2.45
N LEU B 83 -31.07 6.93 2.43
CA LEU B 83 -31.31 5.80 3.32
C LEU B 83 -31.11 6.15 4.80
N LYS B 84 -30.07 6.94 5.10
CA LYS B 84 -29.79 7.34 6.47
C LYS B 84 -30.96 8.11 7.04
N ARG B 85 -31.48 9.07 6.28
CA ARG B 85 -32.57 9.89 6.75
C ARG B 85 -33.90 9.15 6.71
N ALA B 86 -33.94 8.04 5.99
CA ALA B 86 -35.15 7.26 5.91
C ALA B 86 -35.14 6.16 6.96
N SER B 87 -34.14 6.18 7.84
CA SER B 87 -34.01 5.21 8.91
C SER B 87 -33.60 3.77 8.63
N ALA B 88 -32.83 3.55 7.57
CA ALA B 88 -32.31 2.23 7.29
C ALA B 88 -31.58 1.79 8.55
N LYS B 89 -31.58 0.49 8.84
CA LYS B 89 -30.88 0.00 10.02
C LYS B 89 -29.40 0.02 9.74
N THR B 90 -28.98 -0.50 8.60
CA THR B 90 -27.59 -0.50 8.24
C THR B 90 -27.53 -0.13 6.78
N ILE B 91 -26.42 0.42 6.32
CA ILE B 91 -26.34 0.81 4.92
C ILE B 91 -25.03 0.23 4.50
N ASN B 92 -25.10 -0.88 3.78
CA ASN B 92 -23.92 -1.64 3.36
C ASN B 92 -23.58 -1.42 1.94
N ILE B 93 -22.36 -0.98 1.69
CA ILE B 93 -21.93 -0.67 0.36
C ILE B 93 -21.15 -1.78 -0.29
N VAL B 94 -21.59 -2.23 -1.46
CA VAL B 94 -20.89 -3.30 -2.17
C VAL B 94 -20.28 -2.58 -3.35
N ILE B 95 -18.95 -2.47 -3.36
CA ILE B 95 -18.21 -1.78 -4.43
C ILE B 95 -17.33 -2.76 -5.23
N PRO B 96 -17.84 -3.23 -6.36
CA PRO B 96 -17.06 -4.17 -7.18
C PRO B 96 -15.79 -3.51 -7.73
N TYR B 97 -15.88 -2.23 -8.10
CA TYR B 97 -14.72 -1.49 -8.58
C TYR B 97 -14.67 -0.13 -7.89
N TYR B 98 -13.56 0.12 -7.22
CA TYR B 98 -13.35 1.31 -6.45
C TYR B 98 -12.56 2.36 -7.24
N GLY B 99 -13.29 3.30 -7.85
CA GLY B 99 -12.63 4.34 -8.60
C GLY B 99 -11.72 5.14 -7.70
N TYR B 100 -10.72 5.77 -8.29
CA TYR B 100 -9.75 6.60 -7.58
C TYR B 100 -8.81 5.82 -6.73
N ALA B 101 -8.87 4.51 -6.81
CA ALA B 101 -7.98 3.69 -6.03
C ALA B 101 -6.53 3.99 -6.34
N ARG B 102 -6.24 4.37 -7.57
CA ARG B 102 -4.87 4.64 -7.94
C ARG B 102 -4.28 5.86 -7.26
N GLN B 103 -5.12 6.81 -6.85
CA GLN B 103 -4.59 7.99 -6.15
C GLN B 103 -4.64 7.66 -4.64
N ASP B 104 -3.71 6.80 -4.23
CA ASP B 104 -3.58 6.32 -2.88
C ASP B 104 -2.48 6.95 -2.01
N ARG B 105 -1.80 7.99 -2.51
CA ARG B 105 -0.79 8.74 -1.74
C ARG B 105 -0.23 9.93 -2.48
N LYS B 106 0.55 10.78 -1.83
CA LYS B 106 1.12 11.90 -2.56
C LYS B 106 2.36 11.39 -3.24
N ALA B 107 2.21 11.12 -4.52
CA ALA B 107 3.29 10.62 -5.35
C ALA B 107 4.20 11.80 -5.71
N ARG B 108 3.60 12.98 -5.81
CA ARG B 108 4.31 14.22 -6.14
C ARG B 108 3.69 15.28 -5.29
N SER B 109 4.18 16.49 -5.41
CA SER B 109 3.70 17.54 -4.58
C SER B 109 2.31 18.08 -4.86
N ARG B 110 1.65 18.45 -3.77
CA ARG B 110 0.33 19.01 -3.80
C ARG B 110 -0.70 18.11 -4.45
N GLU B 111 -0.50 16.79 -4.39
CA GLU B 111 -1.47 15.86 -4.95
C GLU B 111 -2.50 15.49 -3.89
N PRO B 112 -3.75 15.24 -4.29
CA PRO B 112 -4.74 14.84 -3.27
C PRO B 112 -4.58 13.34 -3.12
N ILE B 113 -5.11 12.76 -2.04
CA ILE B 113 -5.10 11.31 -1.84
C ILE B 113 -6.61 11.01 -1.93
N THR B 114 -7.09 10.98 -3.17
CA THR B 114 -8.48 10.77 -3.47
C THR B 114 -9.13 9.49 -2.94
N ALA B 115 -8.43 8.37 -2.97
CA ALA B 115 -9.00 7.15 -2.45
C ALA B 115 -9.34 7.37 -0.98
N LYS B 116 -8.55 8.17 -0.27
CA LYS B 116 -8.82 8.41 1.12
C LYS B 116 -10.00 9.37 1.31
N LEU B 117 -10.08 10.38 0.45
CA LEU B 117 -11.18 11.34 0.50
C LEU B 117 -12.48 10.66 0.24
N PHE B 118 -12.49 9.75 -0.73
CA PHE B 118 -13.70 9.01 -1.01
C PHE B 118 -14.13 8.27 0.25
N ALA B 119 -13.19 7.60 0.89
CA ALA B 119 -13.45 6.89 2.10
C ALA B 119 -14.06 7.84 3.13
N ASN B 120 -13.45 9.01 3.33
CA ASN B 120 -14.01 9.96 4.29
C ASN B 120 -15.41 10.40 3.88
N LEU B 121 -15.64 10.58 2.59
CA LEU B 121 -16.97 10.99 2.13
C LEU B 121 -18.03 9.97 2.42
N LEU B 122 -17.74 8.70 2.14
CA LEU B 122 -18.69 7.60 2.33
C LEU B 122 -19.11 7.47 3.78
N GLU B 123 -18.15 7.63 4.69
CA GLU B 123 -18.44 7.56 6.10
C GLU B 123 -19.26 8.73 6.56
N THR B 124 -18.96 9.90 6.03
CA THR B 124 -19.66 11.12 6.38
C THR B 124 -21.08 10.98 5.91
N ALA B 125 -21.27 10.44 4.71
CA ALA B 125 -22.63 10.27 4.18
C ALA B 125 -23.44 9.35 5.05
N GLY B 126 -22.79 8.36 5.66
CA GLY B 126 -23.50 7.47 6.53
C GLY B 126 -23.30 5.98 6.32
N ALA B 127 -22.30 5.57 5.57
CA ALA B 127 -22.09 4.15 5.33
C ALA B 127 -21.78 3.40 6.60
N THR B 128 -22.28 2.19 6.68
CA THR B 128 -22.11 1.28 7.81
C THR B 128 -20.91 0.36 7.54
N ARG B 129 -20.81 -0.18 6.35
CA ARG B 129 -19.69 -1.05 6.04
C ARG B 129 -19.50 -1.12 4.54
N VAL B 130 -18.36 -1.63 4.12
CA VAL B 130 -18.06 -1.78 2.71
C VAL B 130 -17.55 -3.17 2.41
N ILE B 131 -17.91 -3.66 1.23
CA ILE B 131 -17.47 -4.94 0.72
C ILE B 131 -16.79 -4.51 -0.61
N ALA B 132 -15.48 -4.67 -0.69
CA ALA B 132 -14.74 -4.26 -1.87
C ALA B 132 -14.03 -5.44 -2.51
N LEU B 133 -13.68 -5.32 -3.79
CA LEU B 133 -13.01 -6.38 -4.56
C LEU B 133 -11.71 -5.94 -5.22
N ASP B 134 -10.64 -6.67 -4.98
CA ASP B 134 -9.36 -6.34 -5.58
C ASP B 134 -9.03 -4.84 -5.64
N LEU B 135 -8.87 -4.24 -4.47
CA LEU B 135 -8.51 -2.85 -4.36
C LEU B 135 -7.09 -2.71 -4.90
N HIS B 136 -6.85 -1.63 -5.62
CA HIS B 136 -5.53 -1.40 -6.18
C HIS B 136 -4.40 -1.52 -5.13
N ALA B 137 -4.64 -1.07 -3.92
CA ALA B 137 -3.66 -1.22 -2.86
C ALA B 137 -4.45 -1.77 -1.70
N PRO B 138 -4.01 -2.89 -1.12
CA PRO B 138 -4.76 -3.45 0.00
C PRO B 138 -4.84 -2.51 1.24
N GLN B 139 -3.87 -1.61 1.35
CA GLN B 139 -3.81 -0.64 2.43
C GLN B 139 -5.02 0.27 2.40
N ILE B 140 -5.73 0.31 1.28
CA ILE B 140 -6.92 1.12 1.21
C ILE B 140 -7.98 0.62 2.20
N GLN B 141 -7.87 -0.63 2.64
CA GLN B 141 -8.80 -1.20 3.60
C GLN B 141 -8.61 -0.40 4.91
N GLY B 142 -7.41 0.12 5.13
CA GLY B 142 -7.15 0.88 6.34
C GLY B 142 -7.54 2.34 6.21
N PHE B 143 -8.07 2.75 5.06
CA PHE B 143 -8.48 4.13 4.88
C PHE B 143 -9.82 4.30 5.57
N PHE B 144 -10.48 3.19 5.90
CA PHE B 144 -11.78 3.24 6.55
C PHE B 144 -11.65 2.89 8.02
N ASP B 145 -12.58 3.36 8.84
CA ASP B 145 -12.64 2.98 10.23
C ASP B 145 -13.94 2.22 10.45
N ILE B 146 -14.71 2.10 9.38
CA ILE B 146 -15.91 1.29 9.44
C ILE B 146 -15.40 -0.06 8.90
N PRO B 147 -16.10 -1.14 9.24
CA PRO B 147 -15.70 -2.46 8.77
C PRO B 147 -15.71 -2.50 7.24
N ILE B 148 -14.72 -3.17 6.68
CA ILE B 148 -14.63 -3.34 5.25
C ILE B 148 -13.99 -4.69 4.96
N ASP B 149 -14.68 -5.49 4.15
CA ASP B 149 -14.26 -6.82 3.70
C ASP B 149 -13.64 -6.69 2.31
N HIS B 150 -12.42 -7.16 2.13
CA HIS B 150 -11.72 -7.04 0.85
C HIS B 150 -11.59 -8.44 0.19
N LEU B 151 -12.35 -8.67 -0.88
CA LEU B 151 -12.35 -9.94 -1.59
C LEU B 151 -11.33 -9.89 -2.70
N MET B 152 -10.70 -11.04 -2.99
CA MET B 152 -9.69 -11.18 -4.05
C MET B 152 -10.37 -11.80 -5.25
N GLY B 153 -9.91 -11.45 -6.43
CA GLY B 153 -10.51 -11.98 -7.64
C GLY B 153 -9.64 -13.01 -8.35
N VAL B 154 -8.39 -13.11 -7.91
CA VAL B 154 -7.44 -14.03 -8.49
C VAL B 154 -7.93 -15.47 -8.52
N PRO B 155 -8.53 -15.95 -7.42
CA PRO B 155 -9.00 -17.34 -7.47
C PRO B 155 -9.96 -17.60 -8.64
N ILE B 156 -10.69 -16.59 -9.06
CA ILE B 156 -11.62 -16.73 -10.19
C ILE B 156 -10.87 -16.82 -11.54
N LEU B 157 -9.85 -16.00 -11.71
CA LEU B 157 -9.06 -16.02 -12.92
C LEU B 157 -8.23 -17.31 -12.93
N GLY B 158 -7.79 -17.73 -11.75
CA GLY B 158 -6.98 -18.93 -11.67
C GLY B 158 -7.74 -20.17 -12.10
N GLU B 159 -8.97 -20.30 -11.60
CA GLU B 159 -9.80 -21.45 -11.96
C GLU B 159 -10.00 -21.55 -13.48
N TYR B 160 -10.29 -20.46 -14.16
CA TYR B 160 -10.47 -20.48 -15.59
C TYR B 160 -9.21 -20.99 -16.32
N PHE B 161 -8.04 -20.44 -16.00
CA PHE B 161 -6.84 -20.90 -16.67
C PHE B 161 -6.53 -22.38 -16.37
N GLU B 162 -6.77 -22.80 -15.13
CA GLU B 162 -6.48 -24.17 -14.78
C GLU B 162 -7.32 -25.11 -15.65
N GLY B 163 -8.50 -24.65 -16.01
CA GLY B 163 -9.40 -25.44 -16.83
C GLY B 163 -9.01 -25.46 -18.28
N LYS B 164 -7.98 -24.72 -18.63
CA LYS B 164 -7.55 -24.70 -20.02
C LYS B 164 -6.49 -25.75 -20.26
N ASN B 165 -6.07 -26.44 -19.19
CA ASN B 165 -5.06 -27.47 -19.29
C ASN B 165 -3.81 -26.99 -19.96
N LEU B 166 -3.33 -25.83 -19.58
CA LEU B 166 -2.13 -25.29 -20.19
C LEU B 166 -0.91 -26.03 -19.72
N GLU B 167 0.19 -25.90 -20.46
CA GLU B 167 1.49 -26.53 -20.12
C GLU B 167 2.62 -25.51 -20.30
N ASP B 168 3.65 -25.56 -19.44
CA ASP B 168 4.81 -24.64 -19.51
C ASP B 168 4.40 -23.14 -19.37
N ILE B 169 3.79 -22.78 -18.24
CA ILE B 169 3.36 -21.38 -18.05
C ILE B 169 4.33 -20.62 -17.25
N VAL B 170 4.29 -19.31 -17.41
CA VAL B 170 5.12 -18.40 -16.63
C VAL B 170 4.14 -17.26 -16.43
N ILE B 171 4.02 -16.82 -15.18
CA ILE B 171 3.13 -15.71 -14.88
C ILE B 171 4.02 -14.47 -14.95
N VAL B 172 3.57 -13.46 -15.68
CA VAL B 172 4.36 -12.26 -15.87
C VAL B 172 3.69 -11.01 -15.32
N SER B 173 4.45 -10.25 -14.52
CA SER B 173 4.01 -8.99 -13.96
C SER B 173 4.41 -7.92 -14.95
N PRO B 174 3.46 -7.09 -15.40
CA PRO B 174 3.74 -6.02 -16.35
C PRO B 174 4.58 -4.85 -15.85
N ASP B 175 4.86 -4.81 -14.54
CA ASP B 175 5.68 -3.75 -13.93
C ASP B 175 6.06 -4.12 -12.50
N HIS B 176 6.84 -3.26 -11.85
CA HIS B 176 7.37 -3.54 -10.53
C HIS B 176 6.42 -3.71 -9.39
N GLY B 177 5.33 -2.96 -9.43
CA GLY B 177 4.37 -3.04 -8.35
C GLY B 177 3.34 -4.15 -8.46
N GLY B 178 3.40 -4.96 -9.51
CA GLY B 178 2.44 -6.03 -9.65
C GLY B 178 2.99 -7.42 -9.33
N VAL B 179 4.20 -7.49 -8.82
CA VAL B 179 4.79 -8.78 -8.56
C VAL B 179 4.04 -9.60 -7.51
N THR B 180 3.51 -8.95 -6.49
CA THR B 180 2.80 -9.72 -5.47
C THR B 180 1.58 -10.39 -6.07
N ARG B 181 0.90 -9.66 -6.92
CA ARG B 181 -0.28 -10.20 -7.54
C ARG B 181 0.12 -11.37 -8.40
N ALA B 182 1.11 -11.17 -9.26
CA ALA B 182 1.59 -12.22 -10.14
C ALA B 182 1.92 -13.45 -9.34
N ARG B 183 2.43 -13.24 -8.14
CA ARG B 183 2.80 -14.34 -7.33
C ARG B 183 1.59 -15.09 -6.79
N LYS B 184 0.50 -14.39 -6.51
CA LYS B 184 -0.66 -15.11 -6.01
C LYS B 184 -1.22 -16.03 -7.10
N LEU B 185 -1.14 -15.59 -8.35
CA LEU B 185 -1.63 -16.42 -9.44
C LEU B 185 -0.65 -17.57 -9.71
N ALA B 186 0.65 -17.29 -9.62
CA ALA B 186 1.64 -18.32 -9.88
C ALA B 186 1.43 -19.41 -8.85
N ASP B 187 1.22 -19.02 -7.61
CA ASP B 187 1.04 -20.00 -6.54
C ASP B 187 -0.08 -20.95 -6.86
N ARG B 188 -1.24 -20.41 -7.22
CA ARG B 188 -2.36 -21.26 -7.54
C ARG B 188 -2.15 -22.22 -8.74
N LEU B 189 -1.33 -21.82 -9.69
CA LEU B 189 -1.09 -22.68 -10.84
C LEU B 189 0.23 -23.40 -10.72
N LYS B 190 0.93 -23.18 -9.62
CA LYS B 190 2.19 -23.88 -9.45
C LYS B 190 3.13 -23.55 -10.61
N ALA B 191 3.37 -22.24 -10.83
CA ALA B 191 4.24 -21.78 -11.90
C ALA B 191 5.24 -20.68 -11.50
N PRO B 192 6.26 -20.41 -12.35
CA PRO B 192 7.29 -19.39 -12.13
C PRO B 192 6.79 -18.01 -12.52
N ILE B 193 7.59 -16.97 -12.26
CA ILE B 193 7.17 -15.63 -12.63
C ILE B 193 8.31 -14.94 -13.32
N ALA B 194 8.01 -13.95 -14.14
CA ALA B 194 9.01 -13.16 -14.82
C ALA B 194 8.42 -11.75 -14.70
N ILE B 195 9.24 -10.72 -14.80
CA ILE B 195 8.69 -9.37 -14.70
C ILE B 195 9.22 -8.47 -15.80
N ILE B 196 8.40 -7.53 -16.24
CA ILE B 196 8.81 -6.61 -17.28
C ILE B 196 9.45 -5.48 -16.50
N ASP B 197 10.71 -5.16 -16.82
CA ASP B 197 11.41 -4.06 -16.16
C ASP B 197 11.59 -2.92 -17.17
N LYS B 198 10.61 -2.02 -17.27
CA LYS B 198 10.69 -0.88 -18.19
C LYS B 198 11.34 0.37 -17.55
N ARG B 199 12.37 0.95 -18.18
CA ARG B 199 13.01 2.14 -17.59
C ARG B 199 12.62 3.45 -18.28
N MET B 209 12.77 -1.51 -21.77
CA MET B 209 11.80 -2.63 -21.59
C MET B 209 12.52 -3.95 -21.55
N ASN B 210 13.02 -4.32 -20.38
CA ASN B 210 13.71 -5.58 -20.23
C ASN B 210 12.82 -6.60 -19.62
N ILE B 211 13.23 -7.84 -19.78
CA ILE B 211 12.46 -8.96 -19.30
C ILE B 211 13.36 -9.73 -18.40
N VAL B 212 12.94 -9.77 -17.13
CA VAL B 212 13.65 -10.43 -16.06
C VAL B 212 12.95 -11.77 -15.78
N GLY B 213 13.57 -12.87 -16.25
CA GLY B 213 12.99 -14.18 -16.03
C GLY B 213 13.00 -14.94 -17.34
N ASN B 214 12.87 -16.24 -17.21
CA ASN B 214 12.88 -17.14 -18.36
C ASN B 214 11.48 -17.30 -18.96
N ILE B 215 11.25 -16.78 -20.16
CA ILE B 215 9.95 -16.84 -20.82
C ILE B 215 10.10 -17.58 -22.14
N GLU B 216 11.26 -18.17 -22.35
CA GLU B 216 11.53 -18.84 -23.60
C GLU B 216 10.72 -20.10 -23.77
N GLY B 217 9.90 -20.12 -24.82
CA GLY B 217 9.07 -21.25 -25.14
C GLY B 217 8.00 -21.57 -24.10
N LYS B 218 7.52 -20.54 -23.39
CA LYS B 218 6.50 -20.76 -22.35
C LYS B 218 5.21 -20.03 -22.66
N THR B 219 4.10 -20.53 -22.12
CA THR B 219 2.86 -19.79 -22.31
C THR B 219 2.86 -18.77 -21.21
N ALA B 220 2.97 -17.51 -21.62
CA ALA B 220 3.00 -16.43 -20.67
C ALA B 220 1.59 -15.91 -20.36
N ILE B 221 1.32 -15.69 -19.07
CA ILE B 221 0.04 -15.13 -18.66
C ILE B 221 0.38 -13.79 -17.98
N LEU B 222 -0.04 -12.70 -18.62
CA LEU B 222 0.18 -11.35 -18.10
C LEU B 222 -1.01 -11.07 -17.18
N ILE B 223 -0.74 -10.64 -15.95
CA ILE B 223 -1.83 -10.32 -15.03
C ILE B 223 -1.65 -8.93 -14.37
N ASP B 224 -2.70 -8.15 -14.36
CA ASP B 224 -2.65 -6.87 -13.72
C ASP B 224 -4.01 -6.74 -13.03
N ASP B 225 -4.13 -5.79 -12.12
CA ASP B 225 -5.38 -5.59 -11.48
C ASP B 225 -6.34 -4.84 -12.39
N ILE B 226 -5.87 -3.75 -12.99
CA ILE B 226 -6.72 -2.94 -13.85
C ILE B 226 -6.10 -2.87 -15.22
N ILE B 227 -6.93 -2.94 -16.26
CA ILE B 227 -6.45 -2.76 -17.61
C ILE B 227 -7.22 -1.52 -18.08
N ASP B 228 -6.48 -0.43 -18.22
CA ASP B 228 -7.05 0.86 -18.59
C ASP B 228 -6.83 1.24 -20.04
N THR B 229 -5.68 1.86 -20.36
CA THR B 229 -5.41 2.24 -21.74
C THR B 229 -4.74 1.14 -22.56
N ALA B 230 -4.21 0.14 -21.88
CA ALA B 230 -3.57 -1.03 -22.51
C ALA B 230 -2.19 -0.79 -23.10
N GLY B 231 -1.61 0.37 -22.83
CA GLY B 231 -0.30 0.65 -23.35
C GLY B 231 0.74 -0.31 -22.85
N THR B 232 0.86 -0.43 -21.55
CA THR B 232 1.85 -1.30 -20.97
C THR B 232 1.63 -2.74 -21.28
N ILE B 233 0.38 -3.17 -21.18
CA ILE B 233 0.03 -4.57 -21.38
C ILE B 233 0.25 -5.06 -22.80
N THR B 234 -0.21 -4.31 -23.80
CA THR B 234 -0.04 -4.76 -25.15
C THR B 234 1.42 -4.68 -25.48
N LEU B 235 2.05 -3.60 -25.06
CA LEU B 235 3.47 -3.39 -25.30
C LEU B 235 4.26 -4.53 -24.74
N ALA B 236 3.88 -4.99 -23.54
CA ALA B 236 4.53 -6.13 -22.86
C ALA B 236 4.26 -7.44 -23.61
N ALA B 237 3.05 -7.63 -24.12
CA ALA B 237 2.72 -8.86 -24.85
C ALA B 237 3.64 -9.04 -26.06
N ASN B 238 3.56 -8.11 -27.00
CA ASN B 238 4.40 -8.16 -28.18
C ASN B 238 5.85 -8.45 -27.80
N ALA B 239 6.39 -7.75 -26.81
CA ALA B 239 7.76 -8.01 -26.39
C ALA B 239 7.92 -9.45 -25.84
N LEU B 240 6.88 -9.99 -25.22
CA LEU B 240 7.00 -11.37 -24.72
C LEU B 240 7.22 -12.31 -25.93
N VAL B 241 6.37 -12.16 -26.95
CA VAL B 241 6.45 -12.93 -28.17
C VAL B 241 7.80 -12.74 -28.83
N GLU B 242 8.20 -11.50 -29.06
CA GLU B 242 9.48 -11.19 -29.67
C GLU B 242 10.59 -11.91 -28.97
N ASN B 243 10.50 -12.00 -27.65
CA ASN B 243 11.59 -12.64 -26.92
C ASN B 243 11.46 -14.14 -26.75
N GLY B 244 10.60 -14.77 -27.51
CA GLY B 244 10.55 -16.23 -27.40
C GLY B 244 9.37 -16.93 -26.72
N ALA B 245 8.38 -16.20 -26.26
CA ALA B 245 7.26 -16.87 -25.62
C ALA B 245 6.42 -17.52 -26.73
N LYS B 246 5.87 -18.68 -26.43
CA LYS B 246 5.04 -19.45 -27.35
C LYS B 246 3.71 -18.75 -27.64
N GLU B 247 3.13 -18.13 -26.61
CA GLU B 247 1.85 -17.40 -26.77
C GLU B 247 1.58 -16.61 -25.50
N VAL B 248 0.80 -15.53 -25.61
CA VAL B 248 0.51 -14.67 -24.46
C VAL B 248 -0.98 -14.52 -24.17
N TYR B 249 -1.32 -14.68 -22.88
CA TYR B 249 -2.68 -14.49 -22.39
C TYR B 249 -2.60 -13.27 -21.48
N ALA B 250 -3.71 -12.59 -21.28
CA ALA B 250 -3.69 -11.44 -20.40
C ALA B 250 -4.94 -11.44 -19.57
N CYS B 251 -4.83 -11.02 -18.31
CA CYS B 251 -6.01 -10.98 -17.53
C CYS B 251 -5.91 -9.91 -16.49
N CYS B 252 -7.07 -9.45 -16.04
CA CYS B 252 -7.15 -8.44 -15.01
C CYS B 252 -8.48 -8.61 -14.35
N THR B 253 -8.65 -7.97 -13.20
CA THR B 253 -9.92 -8.05 -12.55
C THR B 253 -10.86 -6.97 -13.11
N HIS B 254 -10.36 -5.75 -13.21
CA HIS B 254 -11.17 -4.62 -13.64
C HIS B 254 -10.87 -4.13 -15.04
N PRO B 255 -11.84 -4.29 -15.96
CA PRO B 255 -11.67 -3.85 -17.35
C PRO B 255 -12.08 -2.38 -17.57
N VAL B 256 -11.24 -1.44 -17.16
CA VAL B 256 -11.58 -0.04 -17.38
C VAL B 256 -11.56 0.23 -18.89
N LEU B 257 -10.57 -0.32 -19.57
CA LEU B 257 -10.46 -0.22 -21.02
C LEU B 257 -10.88 1.12 -21.59
N SER B 258 -10.16 2.18 -21.26
CA SER B 258 -10.59 3.45 -21.81
C SER B 258 -9.63 3.86 -22.89
N GLY B 259 -10.01 4.90 -23.62
CA GLY B 259 -9.15 5.42 -24.67
C GLY B 259 -9.03 4.45 -25.82
N PRO B 260 -7.82 4.17 -26.27
CA PRO B 260 -7.56 3.27 -27.39
C PRO B 260 -7.29 1.82 -26.91
N ALA B 261 -7.81 1.47 -25.73
CA ALA B 261 -7.57 0.11 -25.19
C ALA B 261 -8.00 -0.98 -26.14
N VAL B 262 -9.30 -1.01 -26.45
CA VAL B 262 -9.84 -2.04 -27.33
C VAL B 262 -9.08 -2.14 -28.66
N GLU B 263 -8.85 -0.98 -29.26
CA GLU B 263 -8.12 -0.83 -30.52
C GLU B 263 -6.80 -1.56 -30.33
N ARG B 264 -6.09 -1.21 -29.26
CA ARG B 264 -4.79 -1.81 -29.00
C ARG B 264 -4.78 -3.31 -28.71
N ILE B 265 -5.77 -3.75 -27.95
CA ILE B 265 -5.82 -5.15 -27.57
C ILE B 265 -6.07 -5.97 -28.81
N ASN B 266 -7.13 -5.62 -29.53
CA ASN B 266 -7.50 -6.30 -30.75
C ASN B 266 -6.33 -6.45 -31.66
N ASN B 267 -5.50 -5.41 -31.78
CA ASN B 267 -4.34 -5.50 -32.67
C ASN B 267 -3.10 -6.15 -32.09
N SER B 268 -3.12 -6.57 -30.82
CA SER B 268 -1.91 -7.16 -30.25
C SER B 268 -1.78 -8.67 -30.46
N THR B 269 -0.75 -9.26 -29.88
CA THR B 269 -0.52 -10.70 -29.97
C THR B 269 -1.16 -11.42 -28.81
N ILE B 270 -2.01 -10.75 -28.05
CA ILE B 270 -2.66 -11.35 -26.87
C ILE B 270 -3.63 -12.40 -27.43
N LYS B 271 -3.46 -13.66 -27.06
CA LYS B 271 -4.35 -14.71 -27.57
C LYS B 271 -5.79 -14.56 -27.06
N GLU B 272 -5.93 -14.16 -25.79
CA GLU B 272 -7.23 -13.99 -25.15
C GLU B 272 -7.13 -13.06 -23.93
N LEU B 273 -8.02 -12.08 -23.86
CA LEU B 273 -8.03 -11.16 -22.73
C LEU B 273 -9.14 -11.65 -21.80
N VAL B 274 -8.79 -12.00 -20.58
CA VAL B 274 -9.76 -12.50 -19.62
C VAL B 274 -10.01 -11.45 -18.54
N VAL B 275 -11.26 -11.04 -18.35
CA VAL B 275 -11.61 -10.03 -17.34
C VAL B 275 -12.84 -10.44 -16.52
N THR B 276 -13.24 -9.64 -15.53
CA THR B 276 -14.43 -9.99 -14.78
C THR B 276 -15.48 -8.93 -15.07
N ASN B 277 -16.70 -9.13 -14.59
CA ASN B 277 -17.75 -8.17 -14.85
C ASN B 277 -17.89 -7.14 -13.71
N SER B 278 -16.78 -6.86 -13.01
CA SER B 278 -16.81 -5.88 -11.95
C SER B 278 -17.13 -4.55 -12.58
N ILE B 279 -16.82 -4.40 -13.85
CA ILE B 279 -17.13 -3.20 -14.60
C ILE B 279 -17.82 -3.60 -15.90
N LYS B 280 -18.92 -2.92 -16.20
CA LYS B 280 -19.72 -3.12 -17.40
C LYS B 280 -18.95 -2.69 -18.64
N LEU B 281 -19.17 -3.40 -19.74
CA LEU B 281 -18.46 -3.10 -20.97
C LEU B 281 -19.30 -2.17 -21.87
N LYS B 286 -16.27 -3.47 -28.74
CA LYS B 286 -16.12 -4.95 -28.73
C LYS B 286 -14.71 -5.45 -29.00
N ILE B 287 -14.37 -6.42 -28.18
CA ILE B 287 -13.09 -7.12 -28.19
C ILE B 287 -13.30 -8.46 -28.87
N GLU B 288 -12.36 -8.85 -29.72
CA GLU B 288 -12.47 -10.09 -30.46
C GLU B 288 -12.15 -11.32 -29.63
N ARG B 289 -10.99 -11.32 -28.98
CA ARG B 289 -10.60 -12.47 -28.20
C ARG B 289 -10.67 -12.21 -26.69
N PHE B 290 -11.86 -12.24 -26.12
CA PHE B 290 -11.93 -12.02 -24.69
C PHE B 290 -12.89 -13.01 -24.01
N LYS B 291 -12.94 -12.96 -22.70
CA LYS B 291 -13.79 -13.83 -21.95
C LYS B 291 -14.10 -13.07 -20.68
N GLN B 292 -15.36 -12.90 -20.37
CA GLN B 292 -15.73 -12.20 -19.16
C GLN B 292 -16.22 -13.20 -18.12
N LEU B 293 -15.57 -13.24 -16.97
CA LEU B 293 -15.97 -14.14 -15.88
C LEU B 293 -16.82 -13.34 -14.90
N SER B 294 -17.72 -13.97 -14.15
CA SER B 294 -18.56 -13.24 -13.24
C SER B 294 -18.17 -13.27 -11.79
N VAL B 295 -18.21 -12.13 -11.14
CA VAL B 295 -17.91 -12.07 -9.73
C VAL B 295 -19.21 -12.05 -8.95
N GLY B 296 -20.32 -12.30 -9.67
CA GLY B 296 -21.64 -12.33 -9.07
C GLY B 296 -21.75 -13.33 -7.94
N PRO B 297 -21.34 -14.58 -8.16
CA PRO B 297 -21.41 -15.57 -7.09
C PRO B 297 -20.59 -15.20 -5.88
N LEU B 298 -19.40 -14.66 -6.12
CA LEU B 298 -18.53 -14.27 -5.00
C LEU B 298 -19.14 -13.15 -4.16
N LEU B 299 -19.69 -12.13 -4.80
CA LEU B 299 -20.25 -11.02 -4.05
C LEU B 299 -21.52 -11.41 -3.33
N ALA B 300 -22.36 -12.19 -3.99
CA ALA B 300 -23.62 -12.66 -3.42
C ALA B 300 -23.37 -13.43 -2.16
N GLU B 301 -22.37 -14.29 -2.22
CA GLU B 301 -22.00 -15.10 -1.09
C GLU B 301 -21.40 -14.23 0.03
N ALA B 302 -20.68 -13.18 -0.34
CA ALA B 302 -20.12 -12.29 0.66
C ALA B 302 -21.31 -11.59 1.31
N ILE B 303 -22.28 -11.17 0.52
CA ILE B 303 -23.43 -10.49 1.07
C ILE B 303 -24.15 -11.34 2.10
N ILE B 304 -24.47 -12.59 1.75
CA ILE B 304 -25.16 -13.55 2.65
C ILE B 304 -24.42 -13.75 3.94
N ARG B 305 -23.14 -14.05 3.83
CA ARG B 305 -22.35 -14.23 5.04
C ARG B 305 -22.33 -12.97 5.89
N VAL B 306 -22.18 -11.79 5.27
CA VAL B 306 -22.12 -10.58 6.06
C VAL B 306 -23.45 -10.45 6.74
N HIS B 307 -24.51 -10.74 6.01
CA HIS B 307 -25.84 -10.65 6.58
C HIS B 307 -26.20 -11.75 7.59
N GLU B 308 -25.70 -12.96 7.42
CA GLU B 308 -26.06 -14.01 8.37
C GLU B 308 -24.93 -14.06 9.39
N GLN B 309 -24.13 -13.00 9.41
CA GLN B 309 -23.01 -12.94 10.32
C GLN B 309 -22.18 -14.24 10.38
N GLN B 310 -21.81 -14.75 9.22
CA GLN B 310 -20.99 -15.96 9.11
C GLN B 310 -19.57 -15.51 8.71
N SER B 311 -18.57 -16.38 8.86
CA SER B 311 -17.18 -16.08 8.53
C SER B 311 -17.06 -15.85 7.03
N VAL B 312 -16.38 -14.76 6.64
CA VAL B 312 -16.15 -14.42 5.23
C VAL B 312 -14.80 -15.00 4.75
N SER B 313 -13.93 -15.32 5.72
CA SER B 313 -12.62 -15.83 5.37
C SER B 313 -12.68 -17.07 4.53
N TYR B 314 -13.83 -17.74 4.57
CA TYR B 314 -14.06 -18.97 3.82
C TYR B 314 -13.98 -18.76 2.30
N LEU B 315 -14.22 -17.54 1.85
CA LEU B 315 -14.22 -17.18 0.44
C LEU B 315 -12.81 -17.03 -0.11
N PHE B 316 -11.82 -17.07 0.77
CA PHE B 316 -10.44 -16.90 0.37
C PHE B 316 -9.88 -18.29 0.26
PB AP2 C . 5.50 21.84 -1.06
O1B AP2 C . 5.81 21.49 0.31
O2B AP2 C . 4.79 23.08 -1.33
O3B AP2 C . 6.54 21.48 -2.00
C3A AP2 C . 4.19 20.78 -1.51
PA AP2 C . 3.99 19.32 -0.62
O1A AP2 C . 3.86 19.71 0.79
O2A AP2 C . 2.93 18.67 -1.35
O5' AP2 C . 5.39 18.57 -0.86
C5' AP2 C . 5.92 17.64 0.06
C4' AP2 C . 5.31 16.21 -0.07
O4' AP2 C . 4.93 15.85 -1.43
C3' AP2 C . 6.28 15.16 0.39
O3' AP2 C . 6.20 14.95 1.79
C2' AP2 C . 5.94 13.93 -0.40
O2' AP2 C . 4.95 13.13 0.27
C1' AP2 C . 5.36 14.48 -1.69
N9 AP2 C . 6.38 14.47 -2.77
C8 AP2 C . 6.80 15.51 -3.56
N7 AP2 C . 7.46 15.13 -4.61
C5 AP2 C . 7.75 13.80 -4.35
C6 AP2 C . 8.57 12.88 -5.01
N6 AP2 C . 9.39 13.26 -6.00
N1 AP2 C . 8.74 11.66 -4.45
C2 AP2 C . 8.00 11.35 -3.38
N3 AP2 C . 7.19 12.14 -2.63
C4 AP2 C . 7.15 13.39 -3.19
P ABM D . 4.43 -7.47 3.97
CM ABM D . 6.23 -7.62 3.72
O2P ABM D . 3.76 -8.33 2.86
O3P ABM D . 4.13 -5.97 4.02
O5' ABM D . 4.19 -8.15 5.42
C5' ABM D . 2.90 -8.02 6.14
C4' ABM D . 2.75 -9.10 7.28
O4' ABM D . 3.91 -9.11 8.21
C3' ABM D . 1.50 -8.90 8.16
O3' ABM D . 0.30 -9.52 7.58
C2' ABM D . 1.91 -9.54 9.49
O2' ABM D . 1.67 -11.00 9.43
C1' ABM D . 3.42 -9.35 9.56
N9 ABM D . 3.86 -8.26 10.49
C8 ABM D . 3.10 -7.27 11.13
N7 ABM D . 3.69 -6.78 12.20
C5 ABM D . 5.02 -7.30 12.13
C6 ABM D . 6.12 -7.28 13.02
N6 ABM D . 6.43 -6.25 13.79
N1 ABM D . 6.96 -8.33 13.00
C2 ABM D . 6.93 -9.13 11.97
N3 ABM D . 6.06 -9.17 10.97
C4 ABM D . 5.08 -8.27 11.15
PB AP2 E . -14.62 -13.56 9.64
O1B AP2 E . -15.44 -12.89 8.60
O2B AP2 E . -15.25 -13.67 10.98
O3B AP2 E . -13.74 -14.70 9.16
C3A AP2 E . -13.33 -12.40 10.03
PA AP2 E . -13.07 -10.89 9.10
O1A AP2 E . -14.45 -10.37 8.82
O2A AP2 E . -12.14 -10.20 10.04
O5' AP2 E . -12.28 -11.35 7.79
C5' AP2 E . -12.60 -10.86 6.53
C4' AP2 E . -11.43 -10.06 5.95
O4' AP2 E . -10.15 -10.58 6.34
C3' AP2 E . -11.44 -10.04 4.44
O3' AP2 E . -12.28 -9.02 3.97
C2' AP2 E . -10.00 -9.80 4.08
O2' AP2 E . -9.77 -8.37 4.09
C1' AP2 E . -9.23 -10.46 5.22
N9 AP2 E . -8.76 -11.80 4.85
C8 AP2 E . -9.19 -13.04 5.32
N7 AP2 E . -8.62 -14.07 4.72
C5 AP2 E . -7.95 -13.45 3.66
C6 AP2 E . -7.03 -13.96 2.78
N6 AP2 E . -6.54 -15.19 2.90
N1 AP2 E . -6.45 -13.08 1.93
C2 AP2 E . -6.48 -11.77 2.21
N3 AP2 E . -7.16 -11.18 3.17
C4 AP2 E . -7.96 -12.08 3.79
P ABM F . 1.06 2.75 -9.50
CM ABM F . 1.95 2.10 -10.94
O2P ABM F . 2.19 3.20 -8.52
O3P ABM F . 0.13 1.62 -9.08
O5' ABM F . 0.22 4.00 -10.12
C5' ABM F . -0.08 5.24 -9.37
C4' ABM F . 0.08 6.54 -10.22
O4' ABM F . -0.95 6.67 -11.26
C3' ABM F . 0.05 7.86 -9.37
O3' ABM F . 1.24 8.64 -9.64
C2' ABM F . -1.18 8.64 -9.85
O2' ABM F . -0.86 10.07 -9.97
C1' ABM F . -1.59 8.00 -11.21
N9 ABM F . -3.07 7.84 -11.35
C8 ABM F . -4.08 8.18 -10.47
N7 ABM F . -5.30 8.06 -10.98
C5 ABM F . -5.05 7.67 -12.28
C6 ABM F . -5.92 7.27 -13.34
N6 ABM F . -7.23 7.23 -13.24
N1 ABM F . -5.36 7.13 -14.55
C2 ABM F . -4.01 7.13 -14.63
N3 ABM F . -3.09 7.21 -13.64
C4 ABM F . -3.70 7.50 -12.49
#